data_6TWB
#
_entry.id   6TWB
#
_cell.length_a   77.524
_cell.length_b   77.524
_cell.length_c   116.506
_cell.angle_alpha   90.000
_cell.angle_beta   90.000
_cell.angle_gamma   120.000
#
_symmetry.space_group_name_H-M   'P 32 2 1'
#
loop_
_entity.id
_entity.type
_entity.pdbx_description
1 polymer 'Coagulation factor XI'
2 polymer 'Double Bridged Peptide F19'
3 non-polymer 'AMMONIUM ION'
4 water water
#
loop_
_entity_poly.entity_id
_entity_poly.type
_entity_poly.pdbx_seq_one_letter_code
_entity_poly.pdbx_strand_id
1 'polypeptide(L)'
;MDDDDKMDNECTTKIKPRIVGGTASVRGEWPWQVTLHTTSPTQRHLCGGSIIGNQWILTAAHCFYGVESPKILRVYSGIL
NQSEIKEDTSFFGVQEIIIHDQYKMAESGYDIALLKLETTVGYGDSQRPICLPSKGDRNVIYTDCWVTGWGYRKLRDKIQ
NTLQKAKIPLVTNEECQKRYRGHKITHKMICAGYREGGKDACKGDSGGPLSCKHNEVWHLVGITSWGEGCAQRERPGVYT
NVVEYVDWILEKTQAVHHHHHH
;
A,H
2 'polypeptide(L)' (CSA)VNIM(CSA)CRCP(NH2) B
#
loop_
_chem_comp.id
_chem_comp.type
_chem_comp.name
_chem_comp.formula
NH2 non-polymer 'AMINO GROUP' 'H2 N'
NH4 non-polymer 'AMMONIUM ION' 'H4 N 1'
#
# COMPACT_ATOMS: atom_id res chain seq x y z
N ILE A 19 10.94 4.37 -1.38
CA ILE A 19 11.21 4.46 0.05
C ILE A 19 12.45 5.33 0.33
N VAL A 20 12.26 6.43 1.07
CA VAL A 20 13.35 7.33 1.42
C VAL A 20 14.01 6.84 2.70
N GLY A 21 15.34 6.82 2.70
CA GLY A 21 15.99 6.44 3.95
C GLY A 21 15.82 4.98 4.31
N GLY A 22 15.24 4.18 3.43
CA GLY A 22 15.08 2.77 3.67
C GLY A 22 16.28 1.98 3.19
N THR A 23 16.21 0.66 3.41
CA THR A 23 17.24 -0.30 3.06
C THR A 23 16.64 -1.46 2.28
N ALA A 24 17.48 -2.18 1.53
CA ALA A 24 17.00 -3.25 0.68
C ALA A 24 16.45 -4.42 1.50
N SER A 25 15.43 -5.08 0.96
CA SER A 25 14.87 -6.32 1.51
C SER A 25 15.50 -7.54 0.86
N VAL A 26 15.17 -8.72 1.41
CA VAL A 26 15.68 -9.97 0.86
C VAL A 26 14.52 -10.79 0.32
N ARG A 27 14.83 -11.62 -0.66
CA ARG A 27 13.82 -12.47 -1.23
C ARG A 27 13.01 -13.14 -0.13
N GLY A 28 11.69 -12.97 -0.19
CA GLY A 28 10.76 -13.59 0.75
C GLY A 28 10.44 -12.82 2.01
N GLU A 29 11.04 -11.64 2.19
CA GLU A 29 10.81 -10.85 3.41
C GLU A 29 9.40 -10.29 3.48
N TRP A 30 8.86 -9.78 2.37
CA TRP A 30 7.53 -9.16 2.30
C TRP A 30 6.67 -9.92 1.30
N PRO A 31 6.36 -11.20 1.56
CA PRO A 31 5.74 -12.02 0.51
C PRO A 31 4.42 -11.46 0.00
N TRP A 32 3.74 -10.59 0.76
CA TRP A 32 2.48 -9.98 0.33
C TRP A 32 2.62 -8.75 -0.54
N GLN A 33 3.74 -8.03 -0.47
CA GLN A 33 3.95 -6.91 -1.37
C GLN A 33 3.96 -7.37 -2.82
N VAL A 34 3.20 -6.68 -3.65
CA VAL A 34 3.18 -6.89 -5.09
C VAL A 34 3.39 -5.56 -5.78
N THR A 35 3.84 -5.65 -7.04
CA THR A 35 4.06 -4.51 -7.90
C THR A 35 2.96 -4.46 -8.97
N LEU A 36 2.25 -3.33 -9.04
CA LEU A 36 1.13 -3.15 -9.93
C LEU A 36 1.57 -2.27 -11.09
N HIS A 37 1.52 -2.85 -12.29
CA HIS A 37 2.04 -2.30 -13.52
C HIS A 37 0.88 -1.91 -14.42
N THR A 38 1.13 -0.95 -15.31
CA THR A 38 0.22 -0.56 -16.35
C THR A 38 0.95 -0.65 -17.68
N THR A 39 0.20 -0.98 -18.74
CA THR A 39 0.78 -1.29 -20.04
C THR A 39 0.60 -0.17 -21.06
N SER A 40 0.18 1.02 -20.63
CA SER A 40 -0.12 2.09 -21.57
C SER A 40 0.31 3.44 -21.00
N PRO A 41 0.98 4.27 -21.81
CA PRO A 41 1.30 3.96 -23.22
C PRO A 41 2.40 2.94 -23.30
N THR A 42 3.15 2.93 -22.20
CA THR A 42 4.28 2.06 -21.93
C THR A 42 3.92 1.16 -20.75
N GLN A 43 4.69 0.08 -20.58
CA GLN A 43 4.63 -0.66 -19.34
C GLN A 43 5.47 0.08 -18.30
N ARG A 44 4.93 0.19 -17.09
CA ARG A 44 5.55 1.00 -16.06
C ARG A 44 5.04 0.51 -14.72
N HIS A 45 5.91 0.52 -13.71
CA HIS A 45 5.44 0.31 -12.35
C HIS A 45 4.54 1.49 -11.92
N LEU A 46 3.37 1.17 -11.40
CA LEU A 46 2.39 2.18 -10.99
C LEU A 46 2.21 2.26 -9.49
N CYS A 47 2.08 1.12 -8.81
CA CYS A 47 1.71 1.19 -7.40
C CYS A 47 2.12 -0.06 -6.64
N GLY A 48 2.33 0.11 -5.32
CA GLY A 48 2.38 -1.03 -4.43
C GLY A 48 1.01 -1.69 -4.26
N GLY A 49 0.99 -2.91 -3.73
CA GLY A 49 -0.27 -3.52 -3.32
C GLY A 49 -0.02 -4.72 -2.44
N SER A 50 -1.08 -5.16 -1.74
CA SER A 50 -0.95 -6.25 -0.77
C SER A 50 -1.87 -7.42 -1.08
N ILE A 51 -1.32 -8.63 -1.11
CA ILE A 51 -2.16 -9.82 -1.24
C ILE A 51 -2.94 -9.99 0.06
N ILE A 52 -4.28 -10.01 -0.03
CA ILE A 52 -5.10 -10.22 1.16
C ILE A 52 -5.91 -11.50 1.08
N GLY A 53 -5.81 -12.23 -0.02
CA GLY A 53 -6.55 -13.47 -0.22
C GLY A 53 -6.17 -14.01 -1.59
N ASN A 54 -6.62 -15.25 -1.86
CA ASN A 54 -6.13 -15.99 -3.03
C ASN A 54 -6.56 -15.37 -4.35
N GLN A 55 -7.42 -14.33 -4.31
CA GLN A 55 -7.77 -13.61 -5.54
C GLN A 55 -7.92 -12.11 -5.33
N TRP A 56 -7.36 -11.55 -4.25
CA TRP A 56 -7.66 -10.18 -3.84
C TRP A 56 -6.38 -9.43 -3.52
N ILE A 57 -6.22 -8.27 -4.14
CA ILE A 57 -5.11 -7.36 -3.87
C ILE A 57 -5.68 -6.08 -3.30
N LEU A 58 -5.21 -5.69 -2.13
CA LEU A 58 -5.64 -4.45 -1.50
C LEU A 58 -4.64 -3.34 -1.83
N THR A 59 -5.14 -2.30 -2.50
CA THR A 59 -4.29 -1.19 -2.86
C THR A 59 -5.10 0.09 -2.67
N ALA A 60 -4.60 1.20 -3.22
CA ALA A 60 -5.21 2.52 -3.06
C ALA A 60 -5.99 2.87 -4.31
N ALA A 61 -7.14 3.53 -4.10
CA ALA A 61 -8.01 3.91 -5.21
C ALA A 61 -7.34 4.94 -6.12
N HIS A 62 -6.54 5.84 -5.53
CA HIS A 62 -5.88 6.85 -6.35
C HIS A 62 -5.04 6.22 -7.46
N CYS A 63 -4.53 5.02 -7.23
CA CYS A 63 -3.70 4.37 -8.23
C CYS A 63 -4.39 4.26 -9.58
N PHE A 64 -5.71 4.47 -9.64
CA PHE A 64 -6.41 4.16 -10.88
C PHE A 64 -7.00 5.39 -11.55
N TYR A 65 -6.55 6.58 -11.18
CA TYR A 65 -6.84 7.77 -11.98
C TYR A 65 -6.19 7.61 -13.34
N GLY A 66 -6.99 7.68 -14.40
CA GLY A 66 -6.48 7.48 -15.74
C GLY A 66 -6.42 6.04 -16.20
N VAL A 67 -6.85 5.10 -15.36
CA VAL A 67 -6.99 3.72 -15.76
C VAL A 67 -8.45 3.47 -16.07
N GLU A 68 -8.77 3.29 -17.36
CA GLU A 68 -10.16 3.18 -17.77
C GLU A 68 -10.62 1.74 -17.95
N SER A 69 -9.70 0.76 -17.96
CA SER A 69 -10.04 -0.64 -18.17
C SER A 69 -9.03 -1.48 -17.44
N PRO A 70 -9.45 -2.55 -16.75
CA PRO A 70 -8.50 -3.44 -16.08
C PRO A 70 -7.67 -4.27 -17.05
N LYS A 71 -7.94 -4.18 -18.35
CA LYS A 71 -7.17 -4.89 -19.35
C LYS A 71 -5.70 -4.45 -19.35
N ILE A 72 -5.40 -3.25 -18.86
CA ILE A 72 -4.05 -2.70 -18.95
C ILE A 72 -3.28 -2.82 -17.63
N LEU A 73 -3.76 -3.64 -16.71
CA LEU A 73 -3.11 -3.85 -15.42
C LEU A 73 -2.44 -5.22 -15.37
N ARG A 74 -1.24 -5.24 -14.80
CA ARG A 74 -0.54 -6.48 -14.54
C ARG A 74 -0.11 -6.48 -13.07
N VAL A 75 -0.52 -7.50 -12.32
CA VAL A 75 -0.12 -7.65 -10.93
C VAL A 75 1.00 -8.66 -10.85
N TYR A 76 2.15 -8.27 -10.28
CA TYR A 76 3.36 -9.09 -10.21
C TYR A 76 3.69 -9.37 -8.74
N SER A 77 3.71 -10.65 -8.39
CA SER A 77 3.88 -11.15 -7.03
C SER A 77 5.13 -12.01 -6.96
N GLY A 78 5.70 -12.12 -5.76
CA GLY A 78 6.94 -12.85 -5.67
C GLY A 78 8.12 -12.15 -6.32
N ILE A 79 8.02 -10.84 -6.50
CA ILE A 79 9.06 -10.06 -7.15
C ILE A 79 9.90 -9.42 -6.07
N LEU A 80 11.21 -9.69 -6.07
CA LEU A 80 12.13 -8.90 -5.25
C LEU A 80 12.75 -7.76 -6.04
N ASN A 81 13.03 -7.98 -7.31
CA ASN A 81 13.70 -6.98 -8.14
C ASN A 81 12.83 -6.63 -9.33
N GLN A 82 12.68 -5.34 -9.58
CA GLN A 82 11.93 -4.91 -10.75
C GLN A 82 12.55 -5.51 -12.00
N SER A 83 13.88 -5.69 -12.02
CA SER A 83 14.54 -6.26 -13.20
C SER A 83 14.23 -7.73 -13.39
N GLU A 84 13.50 -8.35 -12.47
CA GLU A 84 13.07 -9.73 -12.70
C GLU A 84 12.04 -9.79 -13.80
N ILE A 85 11.26 -8.72 -13.99
CA ILE A 85 10.15 -8.71 -14.93
C ILE A 85 10.67 -8.52 -16.36
N LYS A 86 10.41 -9.50 -17.21
CA LYS A 86 10.63 -9.38 -18.64
C LYS A 86 9.40 -9.90 -19.37
N GLU A 87 9.44 -9.87 -20.70
CA GLU A 87 8.23 -10.03 -21.50
C GLU A 87 7.60 -11.41 -21.40
N ASP A 88 8.30 -12.40 -20.85
CA ASP A 88 7.70 -13.73 -20.68
C ASP A 88 7.38 -14.04 -19.21
N THR A 89 7.50 -13.07 -18.32
CA THR A 89 7.27 -13.32 -16.89
C THR A 89 5.78 -13.43 -16.61
N SER A 90 5.40 -14.49 -15.89
CA SER A 90 4.03 -14.63 -15.41
C SER A 90 3.56 -13.38 -14.68
N PHE A 91 2.27 -13.09 -14.81
CA PHE A 91 1.62 -12.04 -14.03
C PHE A 91 0.14 -12.41 -13.89
N PHE A 92 -0.52 -11.75 -12.94
CA PHE A 92 -1.93 -12.01 -12.66
C PHE A 92 -2.80 -10.93 -13.31
N GLY A 93 -3.74 -11.34 -14.14
CA GLY A 93 -4.64 -10.40 -14.76
C GLY A 93 -5.66 -9.90 -13.77
N VAL A 94 -6.13 -8.68 -14.00
CA VAL A 94 -7.05 -7.99 -13.09
C VAL A 94 -8.45 -8.09 -13.72
N GLN A 95 -9.28 -8.95 -13.12
CA GLN A 95 -10.65 -9.14 -13.61
C GLN A 95 -11.53 -7.94 -13.29
N GLU A 96 -11.34 -7.34 -12.11
CA GLU A 96 -12.25 -6.29 -11.70
C GLU A 96 -11.56 -5.31 -10.75
N ILE A 97 -11.94 -4.03 -10.85
CA ILE A 97 -11.48 -2.97 -9.97
C ILE A 97 -12.65 -2.49 -9.12
N ILE A 98 -12.47 -2.51 -7.80
CA ILE A 98 -13.50 -2.09 -6.86
C ILE A 98 -12.92 -0.89 -6.12
N ILE A 99 -13.48 0.29 -6.39
CA ILE A 99 -13.13 1.53 -5.73
C ILE A 99 -14.20 1.82 -4.66
N HIS A 100 -13.76 2.31 -3.51
CA HIS A 100 -14.74 2.76 -2.52
C HIS A 100 -15.59 3.88 -3.11
N ASP A 101 -16.92 3.74 -3.03
CA ASP A 101 -17.81 4.65 -3.74
C ASP A 101 -17.75 6.08 -3.23
N GLN A 102 -17.13 6.36 -2.08
CA GLN A 102 -17.02 7.72 -1.56
C GLN A 102 -15.64 8.33 -1.82
N TYR A 103 -14.75 7.61 -2.50
CA TYR A 103 -13.43 8.16 -2.79
C TYR A 103 -13.53 9.24 -3.86
N LYS A 104 -12.78 10.34 -3.65
CA LYS A 104 -12.59 11.35 -4.69
C LYS A 104 -11.11 11.74 -4.77
N MET A 105 -10.49 12.00 -3.63
CA MET A 105 -9.08 12.35 -3.60
C MET A 105 -8.40 11.57 -2.49
N ALA A 106 -7.09 11.36 -2.67
CA ALA A 106 -6.29 10.85 -1.57
C ALA A 106 -6.48 11.68 -0.30
N GLU A 107 -6.28 13.00 -0.41
CA GLU A 107 -6.32 13.83 0.79
C GLU A 107 -7.69 13.88 1.45
N SER A 108 -8.72 13.36 0.80
CA SER A 108 -10.09 13.39 1.29
C SER A 108 -10.54 12.06 1.87
N GLY A 109 -9.63 11.11 2.02
CA GLY A 109 -9.99 9.83 2.58
C GLY A 109 -10.68 8.88 1.61
N TYR A 110 -10.95 7.69 2.13
CA TYR A 110 -11.56 6.59 1.37
C TYR A 110 -10.63 6.06 0.28
N ASP A 111 -9.33 6.26 0.46
CA ASP A 111 -8.31 5.87 -0.51
C ASP A 111 -8.04 4.37 -0.39
N ILE A 112 -9.05 3.58 -0.73
CA ILE A 112 -8.93 2.12 -0.67
C ILE A 112 -9.56 1.51 -1.92
N ALA A 113 -9.05 0.35 -2.31
CA ALA A 113 -9.45 -0.30 -3.55
C ALA A 113 -9.06 -1.77 -3.50
N LEU A 114 -9.88 -2.61 -4.15
CA LEU A 114 -9.62 -4.03 -4.28
C LEU A 114 -9.47 -4.38 -5.75
N LEU A 115 -8.47 -5.23 -6.04
CA LEU A 115 -8.28 -5.85 -7.35
C LEU A 115 -8.69 -7.32 -7.23
N LYS A 116 -9.76 -7.70 -7.94
CA LYS A 116 -10.14 -9.09 -8.08
C LYS A 116 -9.43 -9.64 -9.31
N LEU A 117 -8.51 -10.59 -9.10
CA LEU A 117 -7.66 -11.10 -10.16
C LEU A 117 -8.37 -12.19 -10.96
N GLU A 118 -7.95 -12.34 -12.22
CA GLU A 118 -8.65 -13.28 -13.09
C GLU A 118 -8.38 -14.71 -12.69
N THR A 119 -7.23 -14.98 -12.08
CA THR A 119 -6.79 -16.32 -11.75
C THR A 119 -6.41 -16.38 -10.27
N THR A 120 -6.56 -17.56 -9.67
CA THR A 120 -6.15 -17.85 -8.29
C THR A 120 -4.63 -17.67 -8.08
N VAL A 121 -4.25 -17.29 -6.86
CA VAL A 121 -2.86 -17.16 -6.49
C VAL A 121 -2.42 -18.38 -5.67
N GLY A 122 -1.34 -19.02 -6.09
CA GLY A 122 -0.70 -19.99 -5.23
C GLY A 122 0.15 -19.33 -4.18
N TYR A 123 0.27 -19.96 -3.02
CA TYR A 123 1.02 -19.38 -1.91
C TYR A 123 2.32 -20.15 -1.78
N GLY A 124 3.42 -19.41 -1.60
CA GLY A 124 4.72 -19.99 -1.32
C GLY A 124 5.56 -18.95 -0.60
N ASP A 125 6.77 -19.36 -0.20
CA ASP A 125 7.65 -18.47 0.55
C ASP A 125 7.81 -17.10 -0.10
N SER A 126 7.62 -17.00 -1.42
CA SER A 126 7.76 -15.76 -2.17
C SER A 126 6.47 -14.95 -2.27
N GLN A 127 5.31 -15.57 -2.17
CA GLN A 127 4.03 -14.86 -2.28
C GLN A 127 3.01 -15.48 -1.32
N ARG A 128 2.57 -14.71 -0.34
CA ARG A 128 1.73 -15.15 0.78
C ARG A 128 0.81 -13.98 1.12
N PRO A 129 -0.41 -14.25 1.56
CA PRO A 129 -1.28 -13.14 1.98
C PRO A 129 -0.89 -12.59 3.35
N ILE A 130 -1.24 -11.30 3.56
CA ILE A 130 -1.08 -10.62 4.83
C ILE A 130 -2.44 -10.53 5.49
N CYS A 131 -2.42 -10.38 6.80
CA CYS A 131 -3.63 -10.45 7.61
C CYS A 131 -4.18 -9.06 7.89
N LEU A 132 -5.50 -8.89 7.69
CA LEU A 132 -6.18 -7.68 8.07
C LEU A 132 -6.21 -7.52 9.59
N PRO A 133 -6.39 -6.31 10.10
CA PRO A 133 -6.55 -6.16 11.54
C PRO A 133 -7.90 -6.69 11.96
N SER A 134 -7.97 -7.14 13.21
CA SER A 134 -9.24 -7.54 13.79
C SER A 134 -9.93 -6.30 14.35
N LYS A 135 -11.22 -6.14 14.01
CA LYS A 135 -11.93 -4.91 14.41
C LYS A 135 -12.00 -4.76 15.94
N GLY A 136 -11.74 -5.83 16.69
CA GLY A 136 -11.62 -5.75 18.12
C GLY A 136 -10.23 -5.37 18.62
N ASP A 137 -9.33 -5.02 17.72
CA ASP A 137 -7.93 -4.75 18.03
C ASP A 137 -7.50 -3.38 17.49
N ARG A 138 -8.41 -2.41 17.52
CA ARG A 138 -8.01 -1.02 17.39
C ARG A 138 -7.35 -0.52 18.68
N ASN A 139 -7.70 -1.13 19.83
CA ASN A 139 -7.03 -0.88 21.09
C ASN A 139 -5.52 -1.12 21.04
N VAL A 140 -4.99 -1.63 19.91
CA VAL A 140 -3.59 -2.00 19.80
C VAL A 140 -2.77 -0.79 19.39
N ILE A 141 -1.65 -0.59 20.07
CA ILE A 141 -0.67 0.40 19.68
C ILE A 141 0.52 -0.35 19.10
N TYR A 142 0.67 -0.25 17.78
CA TYR A 142 1.68 -1.02 17.09
C TYR A 142 3.04 -0.35 17.23
N THR A 143 4.04 -1.15 17.57
CA THR A 143 5.37 -0.64 17.83
C THR A 143 6.41 -1.10 16.81
N ASP A 144 6.02 -1.91 15.79
CA ASP A 144 6.95 -2.51 14.81
C ASP A 144 6.35 -2.41 13.40
N CYS A 145 6.45 -1.22 12.79
CA CYS A 145 5.75 -0.91 11.56
C CYS A 145 6.74 -0.54 10.47
N TRP A 146 6.46 -0.99 9.24
CA TRP A 146 7.35 -0.84 8.10
C TRP A 146 6.56 -0.48 6.86
N VAL A 147 7.09 0.50 6.13
CA VAL A 147 6.61 0.88 4.80
C VAL A 147 7.59 0.33 3.78
N THR A 148 7.04 -0.23 2.69
CA THR A 148 7.82 -0.98 1.72
C THR A 148 7.39 -0.61 0.31
N GLY A 149 8.31 -0.73 -0.62
CA GLY A 149 7.98 -0.39 -1.99
C GLY A 149 9.21 -0.22 -2.85
N TRP A 150 8.98 -0.07 -4.15
CA TRP A 150 10.05 0.16 -5.10
C TRP A 150 10.20 1.61 -5.49
N GLY A 151 9.64 2.54 -4.72
CA GLY A 151 9.61 3.93 -5.12
C GLY A 151 10.92 4.65 -4.87
N TYR A 152 10.90 5.94 -5.18
CA TYR A 152 12.06 6.80 -5.02
C TYR A 152 12.57 6.79 -3.58
N ARG A 153 13.91 6.92 -3.44
CA ARG A 153 14.55 7.28 -2.18
C ARG A 153 14.90 8.75 -2.10
N LYS A 154 14.23 9.58 -2.88
CA LYS A 154 14.74 10.89 -3.25
C LYS A 154 13.68 11.57 -4.12
N LEU A 155 13.44 12.85 -3.88
CA LEU A 155 12.52 13.60 -4.72
C LEU A 155 13.17 13.82 -6.09
N ARG A 156 12.42 13.56 -7.17
CA ARG A 156 12.95 13.49 -8.53
C ARG A 156 14.10 12.47 -8.58
N ASP A 157 13.67 11.20 -8.58
CA ASP A 157 14.56 10.05 -8.63
C ASP A 157 14.09 9.11 -9.74
N LYS A 158 14.34 7.81 -9.59
CA LYS A 158 13.79 6.79 -10.48
C LYS A 158 13.25 5.67 -9.61
N ILE A 159 12.49 4.78 -10.24
CA ILE A 159 12.02 3.60 -9.52
C ILE A 159 13.21 2.79 -9.07
N GLN A 160 13.22 2.40 -7.80
CA GLN A 160 14.28 1.57 -7.26
C GLN A 160 14.12 0.13 -7.74
N ASN A 161 15.25 -0.56 -7.95
CA ASN A 161 15.18 -1.90 -8.50
C ASN A 161 14.78 -2.92 -7.44
N THR A 162 15.41 -2.85 -6.27
CA THR A 162 15.18 -3.85 -5.23
C THR A 162 14.17 -3.30 -4.21
N LEU A 163 13.14 -4.10 -3.93
CA LEU A 163 12.12 -3.72 -2.96
C LEU A 163 12.75 -3.21 -1.68
N GLN A 164 12.39 -1.99 -1.31
CA GLN A 164 12.96 -1.30 -0.17
C GLN A 164 12.01 -1.39 1.02
N LYS A 165 12.60 -1.32 2.22
CA LYS A 165 11.87 -1.32 3.48
C LYS A 165 12.38 -0.19 4.36
N ALA A 166 11.48 0.38 5.16
CA ALA A 166 11.87 1.37 6.16
C ALA A 166 10.93 1.24 7.35
N LYS A 167 11.50 1.32 8.55
CA LYS A 167 10.71 1.25 9.77
C LYS A 167 10.33 2.65 10.21
N ILE A 168 9.06 2.85 10.57
CA ILE A 168 8.61 4.18 11.01
C ILE A 168 7.62 4.08 12.17
N PRO A 169 7.70 4.97 13.15
CA PRO A 169 6.73 4.95 14.25
C PRO A 169 5.42 5.59 13.86
N LEU A 170 4.33 4.90 14.19
CA LEU A 170 3.01 5.52 14.15
C LEU A 170 2.97 6.75 15.06
N VAL A 171 2.23 7.77 14.64
CA VAL A 171 1.99 8.93 15.47
C VAL A 171 0.49 9.07 15.62
N THR A 172 0.08 9.61 16.78
CA THR A 172 -1.33 9.86 17.09
C THR A 172 -2.01 10.64 15.99
N ASN A 173 -3.33 10.49 15.86
CA ASN A 173 -4.06 11.36 14.95
C ASN A 173 -4.03 12.79 15.47
N GLU A 174 -3.96 12.99 16.77
CA GLU A 174 -3.81 14.34 17.32
C GLU A 174 -2.58 15.01 16.75
N GLU A 175 -1.42 14.34 16.82
CA GLU A 175 -0.19 14.99 16.41
C GLU A 175 -0.10 15.11 14.89
N CYS A 176 -0.65 14.13 14.18
CA CYS A 176 -0.72 14.20 12.74
C CYS A 176 -1.60 15.37 12.27
N GLN A 177 -2.69 15.60 12.99
CA GLN A 177 -3.54 16.75 12.71
C GLN A 177 -2.79 18.04 12.98
N LYS A 178 -2.08 18.12 14.12
CA LYS A 178 -1.33 19.34 14.41
C LYS A 178 -0.32 19.65 13.31
N ARG A 179 0.27 18.61 12.72
CA ARG A 179 1.24 18.77 11.65
C ARG A 179 0.61 19.07 10.29
N TYR A 180 -0.71 18.90 10.15
CA TYR A 180 -1.41 19.03 8.87
C TYR A 180 -2.61 19.96 9.01
N ARG A 181 -2.36 21.19 9.43
CA ARG A 181 -3.41 22.21 9.36
C ARG A 181 -3.98 22.23 7.94
N GLY A 182 -5.19 22.76 7.81
CA GLY A 182 -5.84 22.80 6.52
C GLY A 182 -6.45 21.50 6.02
N HIS A 183 -5.91 20.33 6.39
CA HIS A 183 -6.55 19.07 6.04
C HIS A 183 -7.25 18.48 7.26
N LYS A 184 -8.41 17.87 7.04
CA LYS A 184 -9.03 17.10 8.10
C LYS A 184 -8.44 15.69 8.07
N ILE A 185 -7.83 15.29 9.20
CA ILE A 185 -7.32 13.95 9.40
C ILE A 185 -8.43 13.15 10.09
N THR A 186 -9.17 12.37 9.31
CA THR A 186 -10.27 11.60 9.84
C THR A 186 -9.77 10.40 10.62
N HIS A 187 -10.68 9.79 11.39
CA HIS A 187 -10.36 8.56 12.10
C HIS A 187 -10.00 7.41 11.15
N LYS A 188 -10.53 7.39 9.92
CA LYS A 188 -10.17 6.40 8.93
C LYS A 188 -8.84 6.69 8.23
N MET A 189 -7.98 7.53 8.83
CA MET A 189 -6.62 7.75 8.38
C MET A 189 -5.68 7.44 9.53
N ILE A 190 -4.44 7.12 9.19
CA ILE A 190 -3.43 6.81 10.19
C ILE A 190 -2.09 7.33 9.69
N CYS A 191 -1.32 7.93 10.59
CA CYS A 191 -0.10 8.63 10.21
C CYS A 191 1.12 7.97 10.82
N ALA A 192 2.25 8.06 10.11
CA ALA A 192 3.47 7.45 10.61
C ALA A 192 4.69 8.16 10.03
N GLY A 193 5.67 8.44 10.89
CA GLY A 193 6.90 9.10 10.48
C GLY A 193 7.72 9.61 11.64
N TYR A 194 9.01 9.89 11.39
CA TYR A 194 9.89 10.40 12.43
C TYR A 194 9.80 11.92 12.48
N ARG A 195 9.85 12.47 13.70
CA ARG A 195 9.74 13.91 13.86
C ARG A 195 10.73 14.64 12.96
N GLU A 196 11.95 14.11 12.85
CA GLU A 196 13.02 14.73 12.08
C GLU A 196 12.95 14.40 10.60
N GLY A 197 12.05 13.52 10.17
CA GLY A 197 11.99 13.11 8.78
C GLY A 197 12.99 12.00 8.45
N GLY A 198 13.27 11.88 7.15
CA GLY A 198 14.35 11.07 6.66
C GLY A 198 13.95 9.70 6.19
N LYS A 199 12.87 9.14 6.75
CA LYS A 199 12.35 7.84 6.36
C LYS A 199 10.87 8.00 6.06
N ASP A 200 10.46 7.61 4.86
CA ASP A 200 9.10 7.75 4.38
C ASP A 200 8.95 7.00 3.06
N ALA A 201 7.70 6.79 2.66
CA ALA A 201 7.39 6.42 1.30
C ALA A 201 7.62 7.61 0.36
N CYS A 202 7.66 7.33 -0.94
CA CYS A 202 7.83 8.36 -1.95
C CYS A 202 7.35 7.79 -3.28
N LYS A 203 7.52 8.57 -4.36
CA LYS A 203 6.88 8.27 -5.63
C LYS A 203 7.08 6.81 -6.01
N GLY A 204 5.97 6.10 -6.17
CA GLY A 204 5.99 4.70 -6.58
C GLY A 204 5.53 3.75 -5.49
N ASP A 205 5.75 4.13 -4.23
CA ASP A 205 5.34 3.37 -3.06
C ASP A 205 3.84 3.44 -2.75
N SER A 206 3.09 4.38 -3.32
CA SER A 206 1.69 4.51 -2.96
C SER A 206 0.95 3.24 -3.30
N GLY A 207 -0.06 2.92 -2.50
CA GLY A 207 -0.80 1.68 -2.61
C GLY A 207 -0.14 0.51 -1.91
N GLY A 208 1.17 0.57 -1.69
CA GLY A 208 1.86 -0.40 -0.89
C GLY A 208 1.34 -0.43 0.53
N PRO A 209 1.77 -1.43 1.30
CA PRO A 209 1.33 -1.57 2.69
C PRO A 209 2.21 -0.82 3.67
N LEU A 210 1.60 -0.56 4.83
CA LEU A 210 2.30 -0.26 6.07
C LEU A 210 1.93 -1.44 6.95
N SER A 211 2.93 -2.28 7.20
CA SER A 211 2.76 -3.59 7.84
C SER A 211 3.32 -3.48 9.25
N CYS A 212 2.70 -4.19 10.20
CA CYS A 212 3.15 -4.08 11.59
C CYS A 212 3.17 -5.46 12.23
N LYS A 213 4.31 -5.85 12.82
CA LYS A 213 4.46 -7.16 13.44
C LYS A 213 3.90 -7.08 14.85
N HIS A 214 2.96 -7.96 15.18
CA HIS A 214 2.39 -8.00 16.52
C HIS A 214 2.21 -9.45 16.93
N ASN A 215 2.87 -9.84 18.02
CA ASN A 215 2.80 -11.21 18.53
C ASN A 215 3.20 -12.22 17.45
N GLU A 216 4.25 -11.88 16.70
CA GLU A 216 4.80 -12.71 15.64
C GLU A 216 3.89 -12.81 14.42
N VAL A 217 2.81 -12.04 14.36
CA VAL A 217 1.88 -12.03 13.23
C VAL A 217 1.89 -10.65 12.58
N TRP A 218 2.14 -10.61 11.26
CA TRP A 218 2.07 -9.38 10.49
C TRP A 218 0.63 -9.02 10.17
N HIS A 219 0.28 -7.75 10.39
CA HIS A 219 -1.03 -7.23 10.02
C HIS A 219 -0.85 -6.05 9.07
N LEU A 220 -1.76 -5.95 8.10
CA LEU A 220 -1.76 -4.84 7.14
C LEU A 220 -2.50 -3.67 7.80
N VAL A 221 -1.73 -2.78 8.44
CA VAL A 221 -2.34 -1.75 9.26
C VAL A 221 -2.74 -0.52 8.43
N GLY A 222 -1.95 -0.15 7.42
CA GLY A 222 -2.30 0.99 6.60
C GLY A 222 -1.97 0.77 5.14
N ILE A 223 -2.50 1.68 4.32
CA ILE A 223 -2.18 1.74 2.88
C ILE A 223 -1.58 3.11 2.59
N THR A 224 -0.33 3.16 2.11
CA THR A 224 0.31 4.42 1.76
C THR A 224 -0.61 5.24 0.87
N SER A 225 -0.87 6.51 1.22
CA SER A 225 -1.78 7.24 0.33
C SER A 225 -1.43 8.69 0.03
N TRP A 226 -0.96 9.46 0.99
CA TRP A 226 -0.51 10.82 0.66
C TRP A 226 0.38 11.37 1.77
N GLY A 227 0.94 12.53 1.51
CA GLY A 227 1.72 13.26 2.48
C GLY A 227 2.43 14.43 1.84
N GLU A 228 2.75 15.44 2.62
CA GLU A 228 3.46 16.61 2.09
C GLU A 228 4.86 16.21 1.68
N GLY A 229 5.13 16.23 0.38
CA GLY A 229 6.45 15.82 -0.09
C GLY A 229 6.78 14.42 0.36
N CYS A 230 8.00 14.25 0.87
CA CYS A 230 8.51 12.93 1.22
C CYS A 230 9.51 13.08 2.35
N ALA A 231 9.27 12.40 3.48
CA ALA A 231 10.19 12.37 4.62
C ALA A 231 10.53 13.77 5.13
N GLN A 232 9.75 14.78 4.79
CA GLN A 232 9.99 16.10 5.33
C GLN A 232 9.71 16.11 6.82
N ARG A 233 10.55 16.83 7.57
CA ARG A 233 10.46 16.73 9.01
C ARG A 233 9.18 17.38 9.50
N GLU A 234 8.63 16.81 10.57
CA GLU A 234 7.34 17.19 11.16
C GLU A 234 6.21 17.15 10.14
N ARG A 235 6.27 16.18 9.24
CA ARG A 235 5.22 15.95 8.25
C ARG A 235 5.10 14.44 8.00
N PRO A 236 4.45 13.71 8.91
CA PRO A 236 4.37 12.25 8.76
C PRO A 236 3.54 11.86 7.56
N GLY A 237 3.69 10.60 7.17
CA GLY A 237 2.92 10.09 6.06
C GLY A 237 1.52 9.73 6.48
N VAL A 238 0.59 9.85 5.53
CA VAL A 238 -0.82 9.52 5.76
C VAL A 238 -1.16 8.25 4.98
N TYR A 239 -1.84 7.34 5.66
CA TYR A 239 -2.16 6.04 5.13
C TYR A 239 -3.63 5.80 5.43
N THR A 240 -4.33 5.17 4.49
CA THR A 240 -5.66 4.66 4.78
C THR A 240 -5.58 3.70 5.96
N ASN A 241 -6.39 3.98 7.00
CA ASN A 241 -6.39 3.22 8.26
C ASN A 241 -7.24 1.96 8.08
N VAL A 242 -6.57 0.83 7.83
CA VAL A 242 -7.25 -0.30 7.20
C VAL A 242 -8.32 -0.89 8.12
N VAL A 243 -8.11 -0.85 9.43
CA VAL A 243 -9.09 -1.49 10.31
C VAL A 243 -10.49 -0.91 10.07
N GLU A 244 -10.56 0.40 9.82
CA GLU A 244 -11.83 1.10 9.65
C GLU A 244 -12.58 0.69 8.38
N TYR A 245 -11.99 -0.13 7.52
CA TYR A 245 -12.68 -0.62 6.34
C TYR A 245 -12.82 -2.13 6.30
N VAL A 246 -12.49 -2.85 7.39
CA VAL A 246 -12.49 -4.31 7.30
C VAL A 246 -13.86 -4.81 6.84
N ASP A 247 -14.93 -4.33 7.50
CA ASP A 247 -16.29 -4.68 7.10
C ASP A 247 -16.49 -4.45 5.61
N TRP A 248 -16.11 -3.27 5.13
CA TRP A 248 -16.17 -2.95 3.70
C TRP A 248 -15.44 -4.01 2.86
N ILE A 249 -14.19 -4.32 3.22
CA ILE A 249 -13.45 -5.37 2.51
C ILE A 249 -14.26 -6.66 2.46
N LEU A 250 -14.79 -7.06 3.61
CA LEU A 250 -15.50 -8.33 3.63
C LEU A 250 -16.72 -8.29 2.69
N GLU A 251 -17.44 -7.17 2.66
CA GLU A 251 -18.61 -7.09 1.79
C GLU A 251 -18.25 -7.40 0.35
N LYS A 252 -17.06 -6.97 -0.09
CA LYS A 252 -16.61 -7.19 -1.45
C LYS A 252 -16.00 -8.57 -1.65
N THR A 253 -15.37 -9.12 -0.61
CA THR A 253 -14.60 -10.36 -0.76
C THR A 253 -15.39 -11.60 -0.37
N GLN A 254 -16.57 -11.42 0.25
CA GLN A 254 -17.48 -12.48 0.64
C GLN A 254 -18.80 -12.40 -0.12
N ALA A 255 -18.78 -11.76 -1.29
CA ALA A 255 -19.98 -11.60 -2.08
C ALA A 255 -20.63 -12.93 -2.43
N VAL A 256 -21.95 -12.91 -2.48
CA VAL A 256 -22.75 -14.11 -2.65
C VAL A 256 -23.64 -13.99 -3.90
N GLU B 10 -4.71 -20.27 11.54
CA GLU B 10 -4.19 -19.49 10.41
C GLU B 10 -4.28 -17.96 10.58
N CYS B 11 -5.48 -17.39 10.43
CA CYS B 11 -5.61 -15.94 10.56
C CYS B 11 -7.00 -15.56 11.07
N THR B 12 -7.10 -14.36 11.66
CA THR B 12 -8.29 -13.94 12.41
C THR B 12 -9.39 -13.36 11.51
N THR B 13 -9.05 -12.49 10.55
CA THR B 13 -10.02 -11.99 9.59
C THR B 13 -9.88 -12.82 8.31
N LYS B 14 -10.90 -13.64 8.02
CA LYS B 14 -10.86 -14.61 6.94
C LYS B 14 -11.40 -14.06 5.62
N ILE B 15 -10.73 -14.38 4.53
CA ILE B 15 -11.17 -14.01 3.19
C ILE B 15 -11.44 -15.28 2.38
N LYS B 16 -12.63 -15.35 1.77
CA LYS B 16 -13.10 -16.52 1.03
C LYS B 16 -12.39 -16.63 -0.33
N PRO B 17 -11.95 -17.85 -0.68
CA PRO B 17 -11.30 -18.27 -1.95
C PRO B 17 -12.27 -18.49 -3.13
CA CSA C 1 4.79 19.16 -8.88
CB CSA C 1 5.75 19.40 -7.67
C CSA C 1 3.45 19.93 -8.68
SG CSA C 1 4.98 18.63 -6.21
C3 CSA C 1 4.25 17.02 -6.73
C2 CSA C 1 5.35 15.94 -6.71
O4 CSA C 1 5.32 15.08 -7.51
C1 CSA C 1 6.47 15.98 -5.64
O CSA C 1 3.37 20.90 -7.97
N VAL C 2 2.26 19.43 -9.38
CA VAL C 2 0.98 20.08 -9.25
C VAL C 2 0.54 20.14 -7.78
N ASN C 3 0.46 18.89 -7.02
CA ASN C 3 0.03 18.87 -5.61
C ASN C 3 1.10 18.23 -4.74
N ILE C 4 1.82 19.16 -3.83
CA ILE C 4 2.85 18.70 -2.94
C ILE C 4 2.37 17.44 -2.16
N MET C 5 0.92 17.28 -1.82
CA MET C 5 0.49 16.12 -1.06
C MET C 5 0.53 14.85 -1.91
N CSA C 6 0.81 14.91 -3.40
CA CSA C 6 0.79 13.65 -4.14
CB CSA C 6 -0.12 13.96 -5.31
C CSA C 6 2.21 13.28 -4.61
SG CSA C 6 -1.84 14.13 -4.62
C3 CSA C 6 -2.07 12.67 -3.51
C2 CSA C 6 -2.19 11.35 -4.37
O4 CSA C 6 -2.59 11.39 -5.49
C1 CSA C 6 -1.77 9.98 -3.79
O CSA C 6 2.40 12.65 -5.59
N CYS C 7 3.35 13.75 -3.82
CA CYS C 7 4.67 13.43 -4.30
C CYS C 7 4.93 11.95 -4.20
N ARG C 8 4.24 11.17 -3.17
CA ARG C 8 4.52 9.75 -3.09
C ARG C 8 3.58 8.96 -4.02
N CYS C 9 2.74 9.69 -5.00
CA CYS C 9 1.85 8.92 -5.86
C CYS C 9 2.32 8.98 -7.32
N PRO C 10 1.57 8.15 -8.33
CA PRO C 10 1.81 8.07 -9.65
C PRO C 10 3.14 7.39 -9.95
N NH2 C 11 3.55 6.28 -9.16
N NH4 D . 18.58 -12.78 -5.13
HN1 NH4 D . 18.64 -12.24 -5.94
HN2 NH4 D . 19.12 -12.37 -4.43
HN3 NH4 D . 17.64 -12.84 -4.84
HN4 NH4 D . 18.92 -13.67 -5.33
N NH4 E . -12.83 12.16 12.65
HN1 NH4 E . -12.17 11.74 12.06
HN2 NH4 E . -13.36 11.49 13.12
HN3 NH4 E . -12.36 12.73 13.31
HN4 NH4 E . -13.42 12.73 12.10
N NH4 F . 3.53 16.40 -10.87
HN1 NH4 F . 4.35 15.92 -10.63
HN2 NH4 F . 3.75 17.34 -11.03
HN3 NH4 F . 3.14 16.01 -11.67
HN4 NH4 F . 2.89 16.33 -10.14
#